data_3Q5F
#
_entry.id   3Q5F
#
_cell.length_a   59.566
_cell.length_b   59.566
_cell.length_c   291.177
_cell.angle_alpha   90.000
_cell.angle_beta   90.000
_cell.angle_gamma   90.000
#
_symmetry.space_group_name_H-M   'P 41 21 2'
#
loop_
_entity.id
_entity.type
_entity.pdbx_description
1 polymer 'Transcriptional regulator slyA'
2 polymer "DNA (5'-D(*AP*AP*TP*AP*AP*CP*TP*TP*AP*GP*CP*AP*AP*GP*CP*TP*AP*AP*TP*TP*AP*TP*A)-3')"
3 polymer "DNA (5'-D(*TP*TP*AP*TP*AP*AP*TP*TP*AP*GP*CP*TP*TP*GP*CP*TP*AP*AP*GP*TP*TP*AP*T)-3')"
#
loop_
_entity_poly.entity_id
_entity_poly.type
_entity_poly.pdbx_seq_one_letter_code
_entity_poly.pdbx_strand_id
1 'polypeptide(L)'
;SNAMESPLGSDLARLVRIWRALIDHRLKPLELTQTHWVTLHNIHQLPPDQSQIQLAKAIGIEQPSLVRTLDQLEDKGLIS
RQTCASDRRAKRIKLTEKAEPLIAEMEEVIHKTRGEILAGISSEEIELLIKLIAKLEHNIMELHSHD
;
A,B
2 'polydeoxyribonucleotide'
;(DA)(DA)(DT)(DA)(DA)(DC)(DT)(DT)(DA)(DG)(DC)(DA)(DA)(DG)(DC)(DT)(DA)(DA)(DT)(DT)
(DA)(DT)(DA)
;
C
3 'polydeoxyribonucleotide'
;(DT)(DT)(DA)(DT)(DA)(DA)(DT)(DT)(DA)(DG)(DC)(DT)(DT)(DG)(DC)(DT)(DA)(DA)(DG)(DT)
(DT)(DA)(DT)
;
D
#
# COMPACT_ATOMS: atom_id res chain seq x y z
N GLU A 5 -8.47 10.88 17.22
CA GLU A 5 -7.14 10.96 16.63
C GLU A 5 -7.20 10.70 15.12
N SER A 6 -6.11 10.25 14.50
CA SER A 6 -6.12 10.05 13.03
C SER A 6 -5.54 8.72 12.56
N PRO A 7 -6.33 7.95 11.80
CA PRO A 7 -5.89 6.64 11.29
C PRO A 7 -4.95 6.82 10.11
N LEU A 8 -3.75 7.28 10.37
CA LEU A 8 -2.83 7.60 9.29
C LEU A 8 -2.29 6.36 8.59
N GLY A 9 -2.10 5.29 9.35
CA GLY A 9 -1.59 4.05 8.80
C GLY A 9 -2.51 3.44 7.76
N SER A 10 -3.79 3.46 8.05
CA SER A 10 -4.75 2.89 7.12
C SER A 10 -5.04 3.90 6.04
N ASP A 11 -4.92 5.17 6.36
CA ASP A 11 -5.18 6.18 5.35
C ASP A 11 -4.12 6.16 4.25
N LEU A 12 -2.88 5.85 4.61
CA LEU A 12 -1.85 5.68 3.62
C LEU A 12 -2.12 4.42 2.87
N ALA A 13 -2.45 3.38 3.62
CA ALA A 13 -2.77 2.09 3.02
C ALA A 13 -3.74 2.30 1.89
N ARG A 14 -4.84 3.01 2.17
CA ARG A 14 -5.92 3.18 1.18
C ARG A 14 -5.47 4.05 0.02
N LEU A 15 -4.72 5.09 0.33
CA LEU A 15 -4.16 5.90 -0.72
C LEU A 15 -3.45 5.01 -1.73
N VAL A 16 -2.38 4.35 -1.30
CA VAL A 16 -1.59 3.50 -2.22
C VAL A 16 -2.45 2.58 -3.08
N ARG A 17 -3.48 2.01 -2.45
CA ARG A 17 -4.36 1.05 -3.08
C ARG A 17 -5.06 1.60 -4.31
N ILE A 18 -5.62 2.80 -4.16
CA ILE A 18 -6.35 3.43 -5.26
C ILE A 18 -5.40 4.04 -6.26
N TRP A 19 -4.31 4.59 -5.77
CA TRP A 19 -3.24 5.05 -6.62
C TRP A 19 -2.78 3.94 -7.56
N ARG A 20 -2.61 2.75 -6.99
CA ARG A 20 -2.33 1.58 -7.82
C ARG A 20 -3.46 1.35 -8.83
N ALA A 21 -4.70 1.28 -8.36
CA ALA A 21 -5.85 1.06 -9.23
C ALA A 21 -5.86 2.00 -10.43
N LEU A 22 -5.49 3.25 -10.19
CA LEU A 22 -5.46 4.28 -11.21
C LEU A 22 -4.39 4.00 -12.24
N ILE A 23 -3.14 3.88 -11.79
CA ILE A 23 -2.06 3.56 -12.71
C ILE A 23 -2.32 2.29 -13.49
N ASP A 24 -2.72 1.23 -12.78
CA ASP A 24 -3.09 -0.01 -13.42
C ASP A 24 -4.04 0.25 -14.58
N HIS A 25 -5.02 1.14 -14.35
CA HIS A 25 -6.04 1.47 -15.34
C HIS A 25 -5.47 2.25 -16.53
N ARG A 26 -4.76 3.35 -16.25
CA ARG A 26 -4.12 4.16 -17.29
C ARG A 26 -3.06 3.39 -18.08
N LEU A 27 -2.77 2.15 -17.70
CA LEU A 27 -1.78 1.35 -18.42
C LEU A 27 -2.43 0.19 -19.17
N LYS A 28 -3.58 -0.26 -18.71
CA LYS A 28 -4.29 -1.40 -19.31
C LYS A 28 -4.32 -1.37 -20.85
N PRO A 29 -4.43 -0.18 -21.46
CA PRO A 29 -4.33 -0.08 -22.92
C PRO A 29 -2.92 -0.39 -23.47
N LEU A 30 -1.92 -0.45 -22.61
CA LEU A 30 -0.60 -0.87 -23.02
C LEU A 30 -0.32 -2.30 -22.59
N GLU A 31 -1.35 -3.00 -22.11
CA GLU A 31 -1.20 -4.36 -21.60
C GLU A 31 -0.29 -4.39 -20.37
N LEU A 32 -0.06 -3.24 -19.76
CA LEU A 32 0.88 -3.17 -18.65
C LEU A 32 0.22 -2.96 -17.28
N THR A 33 0.97 -3.29 -16.23
CA THR A 33 0.55 -3.10 -14.84
C THR A 33 1.52 -2.18 -14.14
N GLN A 34 1.06 -1.52 -13.07
CA GLN A 34 1.93 -0.62 -12.31
C GLN A 34 3.18 -1.38 -11.96
N THR A 35 2.97 -2.60 -11.50
CA THR A 35 4.03 -3.49 -11.13
C THR A 35 5.06 -3.70 -12.25
N HIS A 36 4.62 -3.68 -13.50
CA HIS A 36 5.55 -3.75 -14.62
C HIS A 36 6.25 -2.42 -14.75
N TRP A 37 5.50 -1.33 -14.75
CA TRP A 37 6.14 -0.03 -14.89
C TRP A 37 7.30 0.09 -13.91
N VAL A 38 7.06 -0.21 -12.64
CA VAL A 38 8.08 0.07 -11.64
C VAL A 38 9.36 -0.72 -11.93
N THR A 39 9.21 -1.92 -12.44
CA THR A 39 10.39 -2.72 -12.77
C THR A 39 11.12 -2.17 -13.99
N LEU A 40 10.36 -1.77 -15.00
CA LEU A 40 10.95 -1.23 -16.23
C LEU A 40 11.58 0.13 -16.00
N HIS A 41 10.88 0.98 -15.27
CA HIS A 41 11.42 2.29 -14.96
C HIS A 41 12.80 2.12 -14.35
N ASN A 42 12.95 1.09 -13.55
CA ASN A 42 14.16 0.95 -12.77
C ASN A 42 15.31 0.40 -13.57
N ILE A 43 15.01 -0.43 -14.55
CA ILE A 43 16.06 -0.96 -15.39
C ILE A 43 16.60 0.19 -16.22
N HIS A 44 15.70 0.91 -16.87
CA HIS A 44 16.01 2.02 -17.74
C HIS A 44 16.54 3.21 -16.94
N GLN A 45 17.03 2.95 -15.73
CA GLN A 45 17.57 4.02 -14.91
C GLN A 45 18.76 3.56 -14.10
N LEU A 46 19.25 2.35 -14.38
CA LEU A 46 20.43 1.85 -13.70
C LEU A 46 21.51 1.50 -14.71
N PRO A 47 22.79 1.55 -14.28
CA PRO A 47 23.87 1.06 -15.13
C PRO A 47 23.48 -0.27 -15.75
N PRO A 48 23.44 -0.36 -17.08
CA PRO A 48 23.04 -1.62 -17.71
C PRO A 48 23.82 -2.79 -17.12
N ASP A 49 23.32 -4.01 -17.36
CA ASP A 49 23.90 -5.21 -16.77
C ASP A 49 23.85 -5.17 -15.23
N GLN A 50 22.63 -5.19 -14.72
CA GLN A 50 22.39 -5.34 -13.30
C GLN A 50 22.13 -6.81 -13.04
N SER A 51 22.43 -7.28 -11.85
CA SER A 51 21.94 -8.57 -11.45
C SER A 51 20.53 -8.35 -10.92
N GLN A 52 19.75 -9.40 -10.90
CA GLN A 52 18.40 -9.28 -10.38
C GLN A 52 18.45 -8.77 -8.95
N ILE A 53 19.38 -9.29 -8.16
CA ILE A 53 19.46 -8.92 -6.75
C ILE A 53 19.68 -7.43 -6.63
N GLN A 54 20.52 -6.89 -7.51
CA GLN A 54 20.83 -5.47 -7.47
C GLN A 54 19.57 -4.70 -7.77
N LEU A 55 18.96 -5.05 -8.89
CA LEU A 55 17.69 -4.48 -9.33
C LEU A 55 16.64 -4.57 -8.24
N ALA A 56 16.44 -5.76 -7.68
CA ALA A 56 15.50 -5.93 -6.60
C ALA A 56 15.76 -4.90 -5.50
N LYS A 57 16.99 -4.91 -4.98
CA LYS A 57 17.37 -3.98 -3.93
C LYS A 57 17.08 -2.53 -4.30
N ALA A 58 17.33 -2.17 -5.56
CA ALA A 58 16.94 -0.85 -6.08
C ALA A 58 15.43 -0.57 -5.94
N ILE A 59 14.62 -1.46 -6.49
CA ILE A 59 13.19 -1.26 -6.48
C ILE A 59 12.60 -1.26 -5.07
N GLY A 60 13.24 -1.99 -4.15
CA GLY A 60 12.70 -2.15 -2.82
C GLY A 60 11.70 -3.32 -2.71
N ILE A 61 12.10 -4.45 -3.26
CA ILE A 61 11.28 -5.65 -3.21
C ILE A 61 12.21 -6.86 -3.08
N GLU A 62 11.73 -7.89 -2.41
CA GLU A 62 12.51 -9.11 -2.26
C GLU A 62 12.69 -9.75 -3.63
N GLN A 63 13.70 -10.58 -3.76
CA GLN A 63 14.02 -11.14 -5.08
C GLN A 63 12.91 -11.98 -5.66
N PRO A 64 12.21 -12.77 -4.83
CA PRO A 64 11.12 -13.54 -5.42
C PRO A 64 10.06 -12.62 -6.10
N SER A 65 9.65 -11.55 -5.42
CA SER A 65 8.71 -10.65 -6.06
C SER A 65 9.22 -10.25 -7.43
N LEU A 66 10.52 -10.00 -7.51
CA LEU A 66 11.10 -9.53 -8.76
C LEU A 66 11.15 -10.64 -9.80
N VAL A 67 11.14 -11.88 -9.33
CA VAL A 67 11.26 -12.99 -10.25
C VAL A 67 10.03 -13.12 -11.10
N ARG A 68 8.89 -13.10 -10.44
CA ARG A 68 7.59 -13.20 -11.10
C ARG A 68 7.44 -12.10 -12.13
N THR A 69 7.82 -10.89 -11.74
CA THR A 69 7.67 -9.74 -12.62
C THR A 69 8.57 -9.91 -13.84
N LEU A 70 9.81 -10.30 -13.63
CA LEU A 70 10.70 -10.46 -14.76
C LEU A 70 10.15 -11.52 -15.72
N ASP A 71 9.75 -12.65 -15.14
CA ASP A 71 9.15 -13.72 -15.92
C ASP A 71 8.10 -13.18 -16.89
N GLN A 72 7.23 -12.32 -16.40
CA GLN A 72 6.15 -11.77 -17.20
C GLN A 72 6.67 -10.86 -18.29
N LEU A 73 7.56 -9.96 -17.92
CA LEU A 73 8.20 -9.09 -18.90
C LEU A 73 8.98 -9.89 -19.95
N GLU A 74 9.54 -11.02 -19.53
CA GLU A 74 10.32 -11.83 -20.46
C GLU A 74 9.41 -12.51 -21.48
N ASP A 75 8.19 -12.86 -21.06
CA ASP A 75 7.20 -13.46 -21.95
C ASP A 75 6.44 -12.41 -22.77
N LYS A 76 6.87 -11.16 -22.67
CA LYS A 76 6.36 -10.11 -23.53
C LYS A 76 7.55 -9.58 -24.31
N GLY A 77 8.70 -10.27 -24.17
CA GLY A 77 9.90 -9.91 -24.88
C GLY A 77 10.37 -8.51 -24.56
N LEU A 78 10.14 -8.10 -23.33
CA LEU A 78 10.50 -6.76 -22.90
C LEU A 78 11.83 -6.73 -22.14
N ILE A 79 12.26 -7.88 -21.64
CA ILE A 79 13.54 -7.97 -20.95
C ILE A 79 14.33 -9.19 -21.39
N SER A 80 15.59 -9.25 -20.99
CA SER A 80 16.45 -10.36 -21.32
C SER A 80 17.24 -10.78 -20.10
N ARG A 81 17.33 -12.08 -19.87
CA ARG A 81 18.22 -12.62 -18.87
C ARG A 81 19.40 -13.30 -19.57
N GLN A 82 20.60 -12.85 -19.26
CA GLN A 82 21.82 -13.51 -19.71
C GLN A 82 22.68 -13.81 -18.49
N THR A 83 23.17 -15.04 -18.38
CA THR A 83 23.95 -15.43 -17.20
C THR A 83 25.26 -14.62 -17.09
N CYS A 84 25.58 -14.19 -15.87
CA CYS A 84 26.81 -13.41 -15.60
C CYS A 84 28.07 -14.26 -15.75
N ALA A 85 28.95 -13.86 -16.65
CA ALA A 85 30.15 -14.63 -16.95
C ALA A 85 31.08 -14.75 -15.75
N SER A 86 31.23 -13.65 -15.02
CA SER A 86 32.08 -13.62 -13.83
C SER A 86 31.50 -14.47 -12.68
N ASP A 87 30.18 -14.41 -12.52
CA ASP A 87 29.47 -15.14 -11.48
C ASP A 87 28.37 -15.95 -12.11
N ARG A 88 28.70 -17.13 -12.63
CA ARG A 88 27.71 -17.94 -13.34
C ARG A 88 26.44 -18.21 -12.53
N ARG A 89 26.35 -17.66 -11.31
CA ARG A 89 25.16 -17.75 -10.48
C ARG A 89 24.14 -16.69 -10.87
N ALA A 90 24.64 -15.52 -11.26
CA ALA A 90 23.81 -14.33 -11.46
C ALA A 90 23.32 -14.15 -12.90
N LYS A 91 22.45 -13.17 -13.12
CA LYS A 91 21.94 -12.85 -14.47
C LYS A 91 21.91 -11.35 -14.79
N ARG A 92 22.27 -11.03 -16.04
CA ARG A 92 22.27 -9.65 -16.53
C ARG A 92 20.91 -9.28 -17.06
N ILE A 93 20.24 -8.37 -16.39
CA ILE A 93 18.97 -7.92 -16.88
C ILE A 93 19.18 -6.71 -17.78
N LYS A 94 18.76 -6.87 -19.02
CA LYS A 94 18.87 -5.85 -20.05
C LYS A 94 17.53 -5.73 -20.78
N LEU A 95 17.18 -4.52 -21.21
CA LEU A 95 15.95 -4.32 -21.95
C LEU A 95 16.13 -4.77 -23.38
N THR A 96 15.04 -5.19 -24.03
CA THR A 96 15.10 -5.55 -25.44
C THR A 96 14.93 -4.33 -26.32
N GLU A 97 14.95 -4.54 -27.62
CA GLU A 97 14.74 -3.44 -28.55
C GLU A 97 13.25 -3.12 -28.58
N LYS A 98 12.42 -4.16 -28.46
CA LYS A 98 10.97 -3.98 -28.40
C LYS A 98 10.54 -3.13 -27.22
N ALA A 99 11.49 -2.80 -26.35
CA ALA A 99 11.18 -2.15 -25.08
C ALA A 99 11.04 -0.64 -25.16
N GLU A 100 11.98 0.02 -25.84
CA GLU A 100 11.98 1.49 -25.91
C GLU A 100 10.68 2.13 -26.45
N PRO A 101 10.01 1.45 -27.41
CA PRO A 101 8.71 1.93 -27.88
C PRO A 101 7.65 2.00 -26.78
N LEU A 102 7.59 0.99 -25.92
CA LEU A 102 6.61 0.98 -24.84
C LEU A 102 6.99 1.95 -23.73
N ILE A 103 8.28 2.21 -23.58
CA ILE A 103 8.75 3.05 -22.49
C ILE A 103 8.38 4.52 -22.68
N ALA A 104 8.72 5.06 -23.84
CA ALA A 104 8.37 6.43 -24.13
C ALA A 104 6.89 6.67 -23.80
N GLU A 105 6.01 5.92 -24.46
CA GLU A 105 4.56 6.06 -24.26
C GLU A 105 4.23 6.00 -22.77
N MET A 106 4.73 4.95 -22.14
CA MET A 106 4.51 4.65 -20.73
C MET A 106 4.85 5.83 -19.82
N GLU A 107 6.12 6.23 -19.82
CA GLU A 107 6.59 7.28 -18.92
C GLU A 107 5.78 8.54 -19.13
N GLU A 108 5.03 8.57 -20.24
CA GLU A 108 4.16 9.70 -20.47
C GLU A 108 2.90 9.54 -19.65
N VAL A 109 2.11 8.49 -19.95
CA VAL A 109 0.92 8.22 -19.16
C VAL A 109 1.21 8.54 -17.70
N ILE A 110 2.32 8.00 -17.21
CA ILE A 110 2.79 8.29 -15.86
C ILE A 110 2.91 9.80 -15.66
N HIS A 111 3.88 10.43 -16.33
CA HIS A 111 4.06 11.87 -16.25
C HIS A 111 2.72 12.61 -16.22
N LYS A 112 1.94 12.39 -17.27
CA LYS A 112 0.62 12.97 -17.36
C LYS A 112 -0.12 12.80 -16.04
N THR A 113 -0.14 11.58 -15.52
CA THR A 113 -0.94 11.27 -14.35
C THR A 113 -0.34 11.87 -13.09
N ARG A 114 0.98 11.80 -12.96
CA ARG A 114 1.63 12.36 -11.78
C ARG A 114 1.20 13.80 -11.57
N GLY A 115 1.11 14.53 -12.67
CA GLY A 115 0.61 15.90 -12.63
C GLY A 115 -0.83 15.96 -12.16
N GLU A 116 -1.67 15.11 -12.74
CA GLU A 116 -3.10 15.11 -12.41
C GLU A 116 -3.34 14.75 -10.96
N ILE A 117 -2.47 13.91 -10.40
CA ILE A 117 -2.60 13.46 -9.02
C ILE A 117 -2.16 14.54 -8.04
N LEU A 118 -1.07 15.22 -8.38
CA LEU A 118 -0.52 16.29 -7.55
C LEU A 118 -1.14 17.66 -7.84
N ALA A 119 -2.44 17.69 -8.14
CA ALA A 119 -3.10 18.96 -8.43
C ALA A 119 -3.31 19.79 -7.18
N GLY A 120 -2.68 20.96 -7.13
CA GLY A 120 -2.87 21.88 -6.02
C GLY A 120 -1.90 21.67 -4.87
N ILE A 121 -0.64 21.42 -5.19
CA ILE A 121 0.37 21.20 -4.17
C ILE A 121 1.68 21.92 -4.47
N SER A 122 1.99 22.95 -3.68
CA SER A 122 3.22 23.71 -3.86
C SER A 122 4.41 22.76 -3.85
N SER A 123 5.26 22.90 -4.86
CA SER A 123 6.47 22.10 -5.00
C SER A 123 7.26 21.98 -3.69
N GLU A 124 6.98 22.86 -2.74
CA GLU A 124 7.57 22.78 -1.42
C GLU A 124 6.82 21.74 -0.60
N GLU A 125 5.49 21.87 -0.58
CA GLU A 125 4.61 20.90 0.07
C GLU A 125 4.91 19.50 -0.42
N ILE A 126 5.32 19.40 -1.69
CA ILE A 126 5.76 18.14 -2.27
C ILE A 126 7.07 17.70 -1.66
N GLU A 127 8.12 18.49 -1.88
CA GLU A 127 9.45 18.13 -1.40
C GLU A 127 9.42 17.80 0.08
N LEU A 128 8.55 18.50 0.80
CA LEU A 128 8.35 18.24 2.23
C LEU A 128 7.76 16.86 2.45
N LEU A 129 6.59 16.63 1.86
CA LEU A 129 5.98 15.31 1.83
C LEU A 129 7.05 14.25 1.59
N ILE A 130 7.77 14.37 0.47
CA ILE A 130 8.87 13.49 0.14
C ILE A 130 9.89 13.36 1.26
N LYS A 131 10.08 14.40 2.05
CA LYS A 131 11.02 14.35 3.18
C LYS A 131 10.45 13.43 4.24
N LEU A 132 9.20 13.70 4.62
CA LEU A 132 8.52 12.93 5.66
C LEU A 132 8.42 11.44 5.32
N ILE A 133 8.05 11.13 4.08
CA ILE A 133 8.00 9.75 3.62
C ILE A 133 9.35 9.08 3.93
N ALA A 134 10.43 9.68 3.45
CA ALA A 134 11.75 9.11 3.69
C ALA A 134 12.08 9.01 5.18
N LYS A 135 11.47 9.88 5.97
CA LYS A 135 11.73 9.91 7.41
C LYS A 135 10.99 8.79 8.12
N LEU A 136 9.72 8.63 7.76
CA LEU A 136 8.89 7.57 8.30
C LEU A 136 9.51 6.24 7.95
N GLU A 137 9.77 6.03 6.67
CA GLU A 137 10.45 4.82 6.22
C GLU A 137 11.72 4.64 7.03
N HIS A 138 12.33 5.76 7.42
CA HIS A 138 13.55 5.68 8.20
C HIS A 138 13.30 5.06 9.57
N ASN A 139 12.44 5.69 10.36
CA ASN A 139 12.19 5.22 11.71
C ASN A 139 11.80 3.76 11.76
N ILE A 140 10.92 3.37 10.85
CA ILE A 140 10.50 1.98 10.75
C ILE A 140 11.70 1.07 10.47
N MET A 141 12.52 1.44 9.49
CA MET A 141 13.65 0.61 9.12
C MET A 141 14.59 0.35 10.30
N GLU A 142 14.51 1.22 11.32
CA GLU A 142 15.33 1.06 12.51
C GLU A 142 14.72 0.09 13.50
N LEU A 143 13.45 0.29 13.83
CA LEU A 143 12.75 -0.60 14.77
C LEU A 143 12.77 -2.05 14.30
N HIS A 144 13.21 -2.24 13.06
CA HIS A 144 13.40 -3.56 12.48
C HIS A 144 14.52 -4.29 13.22
N SER A 145 15.40 -3.52 13.86
CA SER A 145 16.49 -4.09 14.66
C SER A 145 16.39 -3.68 16.14
N SER B 6 11.54 12.25 -8.43
CA SER B 6 11.39 11.44 -7.22
C SER B 6 10.30 10.37 -7.34
N PRO B 7 10.64 9.11 -7.06
CA PRO B 7 9.69 8.00 -7.20
C PRO B 7 8.76 7.98 -6.00
N LEU B 8 7.85 8.94 -5.95
CA LEU B 8 6.99 9.07 -4.79
C LEU B 8 5.93 7.97 -4.69
N GLY B 9 5.44 7.52 -5.83
CA GLY B 9 4.43 6.46 -5.86
C GLY B 9 4.93 5.16 -5.28
N SER B 10 6.15 4.78 -5.61
CA SER B 10 6.72 3.54 -5.08
C SER B 10 7.22 3.78 -3.68
N ASP B 11 7.62 5.00 -3.39
CA ASP B 11 8.13 5.28 -2.05
C ASP B 11 7.01 5.17 -1.02
N LEU B 12 5.80 5.55 -1.42
CA LEU B 12 4.65 5.39 -0.55
C LEU B 12 4.33 3.92 -0.48
N ALA B 13 4.34 3.28 -1.63
CA ALA B 13 4.07 1.86 -1.69
C ALA B 13 4.93 1.17 -0.63
N ARG B 14 6.24 1.44 -0.65
CA ARG B 14 7.18 0.74 0.24
C ARG B 14 6.97 1.11 1.68
N LEU B 15 6.69 2.38 1.91
CA LEU B 15 6.32 2.79 3.25
C LEU B 15 5.19 1.90 3.81
N VAL B 16 4.01 1.95 3.20
CA VAL B 16 2.88 1.17 3.69
C VAL B 16 3.22 -0.29 3.97
N ARG B 17 4.00 -0.88 3.09
CA ARG B 17 4.39 -2.28 3.18
C ARG B 17 5.10 -2.63 4.48
N ILE B 18 6.09 -1.82 4.84
CA ILE B 18 6.87 -2.08 6.05
C ILE B 18 6.08 -1.67 7.29
N TRP B 19 5.31 -0.60 7.16
CA TRP B 19 4.44 -0.15 8.22
C TRP B 19 3.51 -1.28 8.58
N ARG B 20 2.99 -1.95 7.56
CA ARG B 20 2.16 -3.12 7.78
C ARG B 20 3.00 -4.17 8.50
N ALA B 21 4.17 -4.49 7.96
CA ALA B 21 5.01 -5.52 8.56
C ALA B 21 5.19 -5.29 10.05
N LEU B 22 5.40 -4.04 10.41
CA LEU B 22 5.59 -3.64 11.80
C LEU B 22 4.37 -3.91 12.66
N ILE B 23 3.24 -3.32 12.28
CA ILE B 23 2.01 -3.54 13.04
C ILE B 23 1.70 -5.01 13.13
N ASP B 24 1.82 -5.70 12.00
CA ASP B 24 1.59 -7.14 11.97
C ASP B 24 2.41 -7.81 13.06
N HIS B 25 3.65 -7.35 13.21
CA HIS B 25 4.57 -7.93 14.17
C HIS B 25 4.17 -7.60 15.61
N ARG B 26 3.98 -6.32 15.89
CA ARG B 26 3.58 -5.88 17.24
C ARG B 26 2.21 -6.42 17.66
N LEU B 27 1.53 -7.15 16.78
CA LEU B 27 0.23 -7.73 17.13
C LEU B 27 0.29 -9.26 17.23
N LYS B 28 1.25 -9.87 16.54
CA LYS B 28 1.41 -11.32 16.53
C LYS B 28 1.25 -11.99 17.91
N PRO B 29 1.71 -11.32 18.99
CA PRO B 29 1.46 -11.83 20.34
C PRO B 29 -0.01 -11.80 20.76
N LEU B 30 -0.84 -11.08 20.01
CA LEU B 30 -2.28 -11.09 20.27
C LEU B 30 -3.01 -11.97 19.27
N GLU B 31 -2.25 -12.72 18.46
CA GLU B 31 -2.84 -13.55 17.40
C GLU B 31 -3.52 -12.69 16.32
N LEU B 32 -3.26 -11.38 16.32
CA LEU B 32 -3.95 -10.46 15.44
C LEU B 32 -3.09 -9.94 14.28
N THR B 33 -3.78 -9.46 13.24
CA THR B 33 -3.15 -8.88 12.07
C THR B 33 -3.60 -7.43 11.91
N GLN B 34 -2.79 -6.62 11.24
CA GLN B 34 -3.14 -5.23 11.04
C GLN B 34 -4.54 -5.21 10.46
N THR B 35 -4.72 -6.07 9.47
CA THR B 35 -5.98 -6.21 8.79
C THR B 35 -7.17 -6.46 9.75
N HIS B 36 -6.92 -7.17 10.85
CA HIS B 36 -7.94 -7.37 11.88
C HIS B 36 -8.10 -6.08 12.65
N TRP B 37 -6.99 -5.48 13.07
CA TRP B 37 -7.12 -4.25 13.82
C TRP B 37 -8.02 -3.28 13.08
N VAL B 38 -7.76 -3.05 11.80
CA VAL B 38 -8.48 -2.01 11.09
C VAL B 38 -9.98 -2.25 11.07
N THR B 39 -10.36 -3.51 10.98
CA THR B 39 -11.77 -3.85 10.96
C THR B 39 -12.40 -3.66 12.32
N LEU B 40 -11.65 -4.02 13.38
CA LEU B 40 -12.16 -3.93 14.75
C LEU B 40 -12.23 -2.49 15.21
N HIS B 41 -11.16 -1.75 14.93
CA HIS B 41 -11.13 -0.34 15.25
C HIS B 41 -12.39 0.33 14.71
N ASN B 42 -12.80 -0.10 13.53
CA ASN B 42 -13.88 0.58 12.83
C ASN B 42 -15.27 0.23 13.35
N ILE B 43 -15.43 -0.99 13.83
CA ILE B 43 -16.70 -1.37 14.42
C ILE B 43 -16.87 -0.61 15.74
N HIS B 44 -15.84 -0.66 16.57
CA HIS B 44 -15.82 -0.01 17.87
C HIS B 44 -15.78 1.51 17.72
N GLN B 45 -16.16 2.02 16.56
CA GLN B 45 -16.17 3.45 16.34
C GLN B 45 -17.33 3.91 15.49
N LEU B 46 -18.27 3.00 15.22
CA LEU B 46 -19.44 3.35 14.44
C LEU B 46 -20.69 3.02 15.24
N PRO B 47 -21.78 3.72 14.95
CA PRO B 47 -23.08 3.39 15.55
C PRO B 47 -23.30 1.89 15.47
N PRO B 48 -23.49 1.22 16.63
CA PRO B 48 -23.64 -0.23 16.59
C PRO B 48 -24.71 -0.63 15.58
N ASP B 49 -24.75 -1.91 15.23
CA ASP B 49 -25.66 -2.39 14.18
C ASP B 49 -25.40 -1.71 12.83
N GLN B 50 -24.21 -1.94 12.30
CA GLN B 50 -23.87 -1.54 10.96
C GLN B 50 -24.13 -2.74 10.06
N SER B 51 -24.43 -2.48 8.79
CA SER B 51 -24.41 -3.56 7.81
C SER B 51 -22.98 -3.71 7.34
N GLN B 52 -22.64 -4.85 6.77
CA GLN B 52 -21.29 -5.05 6.31
C GLN B 52 -20.94 -4.00 5.27
N ILE B 53 -21.89 -3.72 4.40
CA ILE B 53 -21.65 -2.75 3.33
C ILE B 53 -21.27 -1.40 3.91
N GLN B 54 -21.97 -1.02 4.97
CA GLN B 54 -21.73 0.26 5.61
C GLN B 54 -20.32 0.26 6.14
N LEU B 55 -20.03 -0.77 6.93
CA LEU B 55 -18.71 -0.98 7.51
C LEU B 55 -17.62 -0.98 6.45
N ALA B 56 -17.83 -1.74 5.39
CA ALA B 56 -16.86 -1.78 4.30
C ALA B 56 -16.60 -0.38 3.80
N LYS B 57 -17.66 0.33 3.43
CA LYS B 57 -17.52 1.69 2.92
C LYS B 57 -16.73 2.57 3.89
N ALA B 58 -16.98 2.39 5.18
CA ALA B 58 -16.24 3.13 6.20
C ALA B 58 -14.74 2.83 6.13
N ILE B 59 -14.41 1.56 6.17
CA ILE B 59 -13.01 1.15 6.17
C ILE B 59 -12.29 1.54 4.88
N GLY B 60 -13.02 1.58 3.78
CA GLY B 60 -12.42 1.84 2.48
C GLY B 60 -11.92 0.57 1.82
N ILE B 61 -12.78 -0.45 1.82
CA ILE B 61 -12.46 -1.71 1.16
C ILE B 61 -13.73 -2.29 0.57
N GLU B 62 -13.57 -3.01 -0.51
CA GLU B 62 -14.70 -3.66 -1.14
C GLU B 62 -15.30 -4.70 -0.21
N GLN B 63 -16.57 -5.05 -0.42
CA GLN B 63 -17.25 -5.94 0.51
C GLN B 63 -16.62 -7.32 0.60
N PRO B 64 -16.13 -7.87 -0.53
CA PRO B 64 -15.50 -9.18 -0.41
C PRO B 64 -14.30 -9.14 0.53
N SER B 65 -13.43 -8.16 0.38
CA SER B 65 -12.31 -8.05 1.30
C SER B 65 -12.81 -8.14 2.72
N LEU B 66 -13.88 -7.44 3.04
CA LEU B 66 -14.39 -7.39 4.41
C LEU B 66 -15.01 -8.70 4.82
N VAL B 67 -15.45 -9.48 3.84
CA VAL B 67 -16.07 -10.75 4.14
C VAL B 67 -15.08 -11.71 4.78
N ARG B 68 -13.93 -11.86 4.14
CA ARG B 68 -12.88 -12.73 4.61
C ARG B 68 -12.47 -12.33 6.02
N THR B 69 -12.28 -11.04 6.22
CA THR B 69 -11.83 -10.56 7.52
C THR B 69 -12.87 -10.86 8.58
N LEU B 70 -14.12 -10.53 8.33
CA LEU B 70 -15.16 -10.86 9.31
C LEU B 70 -15.15 -12.35 9.62
N ASP B 71 -15.14 -13.18 8.58
CA ASP B 71 -15.09 -14.63 8.74
C ASP B 71 -14.06 -15.02 9.78
N GLN B 72 -12.87 -14.43 9.67
CA GLN B 72 -11.77 -14.76 10.57
C GLN B 72 -12.07 -14.32 11.99
N LEU B 73 -12.50 -13.08 12.14
CA LEU B 73 -12.88 -12.55 13.45
C LEU B 73 -14.03 -13.35 14.05
N GLU B 74 -14.89 -13.91 13.19
CA GLU B 74 -16.04 -14.66 13.69
C GLU B 74 -15.60 -16.00 14.25
N ASP B 75 -14.55 -16.57 13.66
CA ASP B 75 -13.98 -17.84 14.12
C ASP B 75 -13.00 -17.64 15.27
N LYS B 76 -12.94 -16.41 15.78
CA LYS B 76 -12.18 -16.11 16.98
C LYS B 76 -13.17 -15.54 17.97
N GLY B 77 -14.45 -15.63 17.60
CA GLY B 77 -15.53 -15.18 18.46
C GLY B 77 -15.39 -13.73 18.84
N LEU B 78 -14.85 -12.94 17.92
CA LEU B 78 -14.65 -11.52 18.19
C LEU B 78 -15.78 -10.64 17.61
N ILE B 79 -16.56 -11.19 16.67
CA ILE B 79 -17.68 -10.46 16.08
C ILE B 79 -18.89 -11.35 15.96
N SER B 80 -20.02 -10.73 15.68
CA SER B 80 -21.26 -11.46 15.49
C SER B 80 -21.97 -10.94 14.27
N ARG B 81 -22.53 -11.87 13.48
CA ARG B 81 -23.43 -11.51 12.40
C ARG B 81 -24.84 -11.92 12.78
N GLN B 82 -25.74 -10.94 12.77
CA GLN B 82 -27.17 -11.22 12.94
C GLN B 82 -27.92 -10.60 11.77
N THR B 83 -28.78 -11.37 11.11
CA THR B 83 -29.52 -10.87 9.95
C THR B 83 -30.43 -9.68 10.28
N CYS B 84 -30.39 -8.65 9.43
CA CYS B 84 -31.18 -7.45 9.64
C CYS B 84 -32.69 -7.71 9.46
N ALA B 85 -33.47 -7.45 10.50
CA ALA B 85 -34.90 -7.75 10.47
C ALA B 85 -35.64 -6.95 9.41
N SER B 86 -35.28 -5.67 9.26
CA SER B 86 -35.88 -4.80 8.27
C SER B 86 -35.54 -5.20 6.84
N ASP B 87 -34.29 -5.58 6.62
CA ASP B 87 -33.79 -5.99 5.30
C ASP B 87 -33.13 -7.36 5.44
N ARG B 88 -33.91 -8.44 5.39
CA ARG B 88 -33.40 -9.78 5.61
C ARG B 88 -32.23 -10.15 4.71
N ARG B 89 -31.81 -9.21 3.85
CA ARG B 89 -30.62 -9.38 3.01
C ARG B 89 -29.34 -9.04 3.76
N ALA B 90 -29.42 -8.08 4.68
CA ALA B 90 -28.26 -7.52 5.34
C ALA B 90 -27.92 -8.19 6.68
N LYS B 91 -26.77 -7.83 7.26
CA LYS B 91 -26.38 -8.36 8.58
C LYS B 91 -25.85 -7.30 9.53
N ARG B 92 -26.22 -7.42 10.81
CA ARG B 92 -25.77 -6.51 11.85
C ARG B 92 -24.43 -6.96 12.42
N ILE B 93 -23.40 -6.18 12.19
CA ILE B 93 -22.11 -6.52 12.77
C ILE B 93 -21.98 -5.86 14.14
N LYS B 94 -21.81 -6.71 15.15
CA LYS B 94 -21.66 -6.30 16.54
C LYS B 94 -20.48 -7.04 17.15
N LEU B 95 -19.75 -6.38 18.04
CA LEU B 95 -18.64 -7.01 18.74
C LEU B 95 -19.15 -7.94 19.83
N THR B 96 -18.38 -8.99 20.15
CA THR B 96 -18.76 -9.88 21.24
C THR B 96 -18.25 -9.34 22.57
N GLU B 97 -18.53 -10.06 23.64
CA GLU B 97 -18.04 -9.66 24.94
C GLU B 97 -16.55 -9.99 25.02
N LYS B 98 -16.16 -11.10 24.40
CA LYS B 98 -14.76 -11.51 24.33
C LYS B 98 -13.90 -10.46 23.64
N ALA B 99 -14.54 -9.43 23.11
CA ALA B 99 -13.86 -8.47 22.24
C ALA B 99 -13.19 -7.33 22.98
N GLU B 100 -13.89 -6.72 23.93
CA GLU B 100 -13.35 -5.57 24.65
C GLU B 100 -11.99 -5.79 25.35
N PRO B 101 -11.75 -7.01 25.86
CA PRO B 101 -10.43 -7.33 26.42
C PRO B 101 -9.29 -7.19 25.40
N LEU B 102 -9.49 -7.67 24.17
CA LEU B 102 -8.45 -7.59 23.16
C LEU B 102 -8.28 -6.18 22.63
N ILE B 103 -9.37 -5.41 22.66
CA ILE B 103 -9.35 -4.07 22.10
C ILE B 103 -8.52 -3.09 22.91
N ALA B 104 -8.78 -3.00 24.21
CA ALA B 104 -7.98 -2.16 25.07
C ALA B 104 -6.48 -2.41 24.80
N GLU B 105 -6.05 -3.65 24.99
CA GLU B 105 -4.65 -4.01 24.81
C GLU B 105 -4.17 -3.54 23.44
N MET B 106 -4.95 -3.89 22.44
CA MET B 106 -4.66 -3.62 21.04
C MET B 106 -4.42 -2.14 20.74
N GLU B 107 -5.41 -1.31 21.03
CA GLU B 107 -5.35 0.11 20.72
C GLU B 107 -4.17 0.74 21.42
N GLU B 108 -3.62 0.01 22.38
CA GLU B 108 -2.41 0.46 23.05
C GLU B 108 -1.20 0.19 22.19
N VAL B 109 -0.89 -1.09 21.96
CA VAL B 109 0.18 -1.43 21.04
C VAL B 109 0.20 -0.40 19.91
N ILE B 110 -0.97 -0.18 19.32
CA ILE B 110 -1.11 0.80 18.26
C ILE B 110 -0.62 2.16 18.75
N HIS B 111 -1.38 2.75 19.68
CA HIS B 111 -1.00 4.03 20.27
C HIS B 111 0.51 4.11 20.50
N LYS B 112 1.03 3.16 21.26
CA LYS B 112 2.46 3.08 21.54
C LYS B 112 3.27 3.22 20.27
N THR B 113 2.87 2.49 19.25
CA THR B 113 3.65 2.44 18.02
C THR B 113 3.47 3.70 17.18
N ARG B 114 2.25 4.22 17.13
CA ARG B 114 2.00 5.42 16.35
C ARG B 114 2.99 6.50 16.80
N GLY B 115 3.19 6.59 18.11
CA GLY B 115 4.14 7.53 18.67
C GLY B 115 5.55 7.23 18.20
N GLU B 116 5.96 5.97 18.30
CA GLU B 116 7.30 5.56 17.92
C GLU B 116 7.58 5.82 16.44
N ILE B 117 6.55 5.72 15.62
CA ILE B 117 6.68 5.90 14.17
C ILE B 117 6.81 7.37 13.82
N LEU B 118 5.98 8.20 14.47
CA LEU B 118 5.98 9.64 14.24
C LEU B 118 7.02 10.38 15.09
N ALA B 119 8.19 9.78 15.28
CA ALA B 119 9.24 10.42 16.08
C ALA B 119 9.90 11.56 15.33
N GLY B 120 9.75 12.77 15.85
CA GLY B 120 10.39 13.94 15.28
C GLY B 120 9.57 14.65 14.22
N ILE B 121 8.27 14.80 14.49
CA ILE B 121 7.41 15.46 13.52
C ILE B 121 6.43 16.43 14.19
N SER B 122 6.62 17.72 13.96
CA SER B 122 5.75 18.74 14.54
C SER B 122 4.30 18.45 14.20
N SER B 123 3.45 18.44 15.21
CA SER B 123 2.02 18.21 15.04
C SER B 123 1.41 18.98 13.87
N GLU B 124 2.13 20.00 13.39
CA GLU B 124 1.72 20.74 12.20
C GLU B 124 2.12 19.96 10.96
N GLU B 125 3.39 19.57 10.91
CA GLU B 125 3.92 18.71 9.85
C GLU B 125 3.07 17.45 9.68
N ILE B 126 2.48 16.99 10.77
CA ILE B 126 1.53 15.88 10.76
C ILE B 126 0.24 16.29 10.10
N GLU B 127 -0.46 17.25 10.70
CA GLU B 127 -1.76 17.68 10.20
C GLU B 127 -1.65 18.06 8.73
N LEU B 128 -0.50 18.58 8.36
CA LEU B 128 -0.23 18.93 6.98
C LEU B 128 -0.17 17.67 6.11
N LEU B 129 0.72 16.76 6.49
CA LEU B 129 0.80 15.45 5.88
C LEU B 129 -0.61 14.88 5.67
N ILE B 130 -1.35 14.76 6.76
CA ILE B 130 -2.74 14.34 6.71
C ILE B 130 -3.61 15.14 5.73
N LYS B 131 -3.30 16.41 5.53
CA LYS B 131 -4.01 17.21 4.53
C LYS B 131 -3.68 16.70 3.14
N LEU B 132 -2.39 16.62 2.83
CA LEU B 132 -1.93 16.18 1.53
C LEU B 132 -2.43 14.78 1.15
N ILE B 133 -2.33 13.85 2.09
CA ILE B 133 -2.88 12.52 1.88
C ILE B 133 -4.32 12.63 1.39
N ALA B 134 -5.17 13.31 2.16
CA ALA B 134 -6.57 13.49 1.78
C ALA B 134 -6.72 14.16 0.41
N LYS B 135 -5.76 15.01 0.06
CA LYS B 135 -5.79 15.76 -1.20
C LYS B 135 -5.42 14.86 -2.37
N LEU B 136 -4.37 14.07 -2.17
CA LEU B 136 -3.91 13.14 -3.19
C LEU B 136 -5.02 12.13 -3.43
N GLU B 137 -5.51 11.52 -2.36
CA GLU B 137 -6.65 10.63 -2.48
C GLU B 137 -7.77 11.32 -3.22
N HIS B 138 -7.89 12.62 -3.02
CA HIS B 138 -8.95 13.36 -3.69
C HIS B 138 -8.76 13.35 -5.21
N ASN B 139 -7.65 13.90 -5.67
CA ASN B 139 -7.42 14.00 -7.09
C ASN B 139 -7.59 12.67 -7.82
N ILE B 140 -7.07 11.61 -7.23
CA ILE B 140 -7.19 10.27 -7.77
C ILE B 140 -8.64 9.87 -7.89
N MET B 141 -9.40 10.07 -6.81
CA MET B 141 -10.81 9.69 -6.80
C MET B 141 -11.60 10.35 -7.92
N GLU B 142 -11.10 11.47 -8.42
CA GLU B 142 -11.76 12.17 -9.51
C GLU B 142 -11.42 11.56 -10.87
N LEU B 143 -10.13 11.34 -11.12
CA LEU B 143 -9.69 10.80 -12.40
C LEU B 143 -10.30 9.44 -12.66
N HIS B 144 -10.94 8.91 -11.63
CA HIS B 144 -11.68 7.67 -11.70
C HIS B 144 -12.89 7.82 -12.62
N SER B 145 -13.32 9.06 -12.80
CA SER B 145 -14.43 9.37 -13.70
C SER B 145 -14.00 10.33 -14.83
#